data_2FCC
#
_entry.id   2FCC
#
_cell.length_a   184.059
_cell.length_b   184.059
_cell.length_c   100.855
_cell.angle_alpha   90.00
_cell.angle_beta   90.00
_cell.angle_gamma   120.00
#
_symmetry.space_group_name_H-M   'P 64 2 2'
#
loop_
_entity.id
_entity.type
_entity.pdbx_description
1 polymer "DNA (5'-D(*CP*CP*AP*GP*GP*AP*(PED)P*GP*AP*AP*GP*CP*C)-3')"
2 polymer "DNA (5'-D(*GP*GP*CP*(BRU)P*(BRU)P*CP*AP*(BRU)P*CP*CP*(BRU)P*GP*G)-3')"
3 polymer 'Endonuclease V'
4 non-polymer 'SULFATE ION'
5 non-polymer GLYCEROL
6 water water
#
loop_
_entity_poly.entity_id
_entity_poly.type
_entity_poly.pdbx_seq_one_letter_code
_entity_poly.pdbx_strand_id
1 'polydeoxyribonucleotide' (DC)(DC)(DA)(DG)(DG)(DA)(PED)(DG)(DA)(DA)(DG)(DC)(DC) C,E
2 'polydeoxyribonucleotide' (DG)(DG)(DC)(BRU)(BRU)(DC)(DA)(BRU)(DC)(DC)(BRU)(DG)(DG) D,F
3 'polypeptide(L)'
;TRINLTLVSELADQHLMAEYRELPRVFGAVRKHVANGKRVRDFKISPTFILGAGHVTFFYDKLEFLRKRQIELIAECLKR
GFNIKDTTVQDISDIPQEFRGDYIPHEASIAISQARLDEKIAQRPTWYKYYGKAIYA
;
A,B
#
# COMPACT_ATOMS: atom_id res chain seq x y z
N THR E 1 17.78 -0.75 -21.25
CA THR E 1 18.10 -0.52 -19.78
C THR E 1 18.45 -1.89 -19.25
N ARG E 2 19.74 -2.13 -19.02
CA ARG E 2 20.16 -3.44 -18.57
C ARG E 2 21.20 -3.35 -17.46
N ILE E 3 20.94 -4.00 -16.33
CA ILE E 3 21.89 -4.04 -15.22
C ILE E 3 22.69 -5.33 -15.42
N ASN E 4 24.02 -5.26 -15.43
CA ASN E 4 24.84 -6.47 -15.60
C ASN E 4 25.37 -6.87 -14.22
N LEU E 5 25.70 -8.15 -14.05
CA LEU E 5 26.19 -8.64 -12.76
C LEU E 5 27.64 -9.03 -12.83
N THR E 6 28.23 -8.85 -14.01
CA THR E 6 29.61 -9.20 -14.25
C THR E 6 30.62 -8.18 -13.75
N LEU E 7 31.89 -8.56 -13.78
CA LEU E 7 32.97 -7.70 -13.32
C LEU E 7 33.06 -6.43 -14.15
N VAL E 8 32.78 -5.30 -13.53
CA VAL E 8 32.83 -4.03 -14.23
C VAL E 8 34.12 -3.86 -15.02
N SER E 9 35.24 -4.31 -14.46
CA SER E 9 36.52 -4.15 -15.17
C SER E 9 36.65 -5.04 -16.41
N GLU E 10 35.71 -5.96 -16.60
CA GLU E 10 35.74 -6.86 -17.76
C GLU E 10 34.86 -6.34 -18.89
N LEU E 11 33.93 -5.45 -18.56
CA LEU E 11 33.03 -4.91 -19.57
C LEU E 11 33.73 -4.29 -20.76
N ALA E 12 33.10 -4.42 -21.93
CA ALA E 12 33.61 -3.83 -23.15
C ALA E 12 33.31 -2.34 -23.03
N ASP E 13 34.10 -1.51 -23.70
CA ASP E 13 33.88 -0.07 -23.66
C ASP E 13 32.40 0.29 -23.86
N GLN E 14 31.80 -0.19 -24.95
CA GLN E 14 30.41 0.15 -25.22
C GLN E 14 29.42 -0.37 -24.20
N HIS E 15 29.71 -1.51 -23.59
CA HIS E 15 28.80 -2.02 -22.57
C HIS E 15 28.99 -1.25 -21.29
N LEU E 16 30.21 -0.79 -21.05
CA LEU E 16 30.50 -0.02 -19.83
C LEU E 16 29.74 1.30 -19.86
N MET E 17 29.81 1.98 -21.01
CA MET E 17 29.13 3.28 -21.15
C MET E 17 27.62 3.12 -21.03
N ALA E 18 27.09 2.07 -21.64
CA ALA E 18 25.65 1.82 -21.60
C ALA E 18 25.16 1.68 -20.16
N GLU E 19 25.72 0.74 -19.42
CA GLU E 19 25.29 0.53 -18.04
C GLU E 19 25.50 1.77 -17.20
N TYR E 20 26.58 2.50 -17.45
CA TYR E 20 26.87 3.71 -16.68
C TYR E 20 25.74 4.73 -16.77
N ARG E 21 25.17 4.89 -17.97
CA ARG E 21 24.09 5.87 -18.13
C ARG E 21 22.71 5.30 -17.85
N GLU E 22 22.56 3.98 -17.94
CA GLU E 22 21.27 3.33 -17.71
C GLU E 22 20.94 2.96 -16.27
N LEU E 23 21.93 2.52 -15.51
CA LEU E 23 21.66 2.12 -14.15
C LEU E 23 20.97 3.19 -13.29
N PRO E 24 21.40 4.46 -13.42
CA PRO E 24 20.72 5.44 -12.58
C PRO E 24 19.24 5.63 -12.90
N ARG E 25 18.77 5.12 -14.03
CA ARG E 25 17.35 5.26 -14.37
C ARG E 25 16.49 4.53 -13.33
N VAL E 26 17.03 3.49 -12.70
CA VAL E 26 16.27 2.73 -11.71
C VAL E 26 15.97 3.58 -10.47
N PHE E 27 16.92 4.41 -10.03
CA PHE E 27 16.68 5.25 -8.86
C PHE E 27 15.51 6.15 -9.15
N GLY E 28 15.49 6.72 -10.34
CA GLY E 28 14.39 7.60 -10.73
C GLY E 28 13.07 6.87 -10.77
N ALA E 29 13.04 5.70 -11.38
CA ALA E 29 11.80 4.94 -11.47
C ALA E 29 11.26 4.66 -10.07
N VAL E 30 12.12 4.26 -9.16
CA VAL E 30 11.67 3.97 -7.80
C VAL E 30 11.20 5.21 -7.05
N ARG E 31 11.99 6.29 -7.13
CA ARG E 31 11.62 7.51 -6.42
C ARG E 31 10.22 7.99 -6.87
N LYS E 32 9.97 7.94 -8.17
CA LYS E 32 8.68 8.36 -8.69
C LYS E 32 7.57 7.46 -8.12
N HIS E 33 7.89 6.19 -7.94
CA HIS E 33 6.93 5.24 -7.38
C HIS E 33 6.68 5.54 -5.91
N VAL E 34 7.72 5.87 -5.16
CA VAL E 34 7.56 6.19 -3.75
C VAL E 34 6.72 7.47 -3.67
N ALA E 35 6.87 8.32 -4.68
CA ALA E 35 6.11 9.56 -4.74
C ALA E 35 4.61 9.24 -4.80
N ASN E 36 4.25 8.20 -5.55
CA ASN E 36 2.85 7.80 -5.67
C ASN E 36 2.43 6.84 -4.55
N GLY E 37 3.19 6.84 -3.46
CA GLY E 37 2.86 5.98 -2.34
C GLY E 37 3.12 4.49 -2.52
N LYS E 38 3.74 4.10 -3.63
CA LYS E 38 4.04 2.69 -3.87
C LYS E 38 4.98 2.14 -2.81
N ARG E 39 4.82 0.85 -2.52
CA ARG E 39 5.61 0.15 -1.53
C ARG E 39 6.32 -1.03 -2.22
N VAL E 40 7.32 -1.61 -1.56
CA VAL E 40 8.02 -2.74 -2.15
C VAL E 40 7.09 -3.91 -2.45
N ARG E 41 6.11 -4.13 -1.57
CA ARG E 41 5.17 -5.23 -1.73
C ARG E 41 4.25 -5.06 -2.93
N ASP E 42 4.15 -3.85 -3.45
CA ASP E 42 3.28 -3.57 -4.58
C ASP E 42 3.89 -3.95 -5.93
N PHE E 43 5.08 -4.55 -5.90
CA PHE E 43 5.75 -4.96 -7.15
C PHE E 43 5.94 -6.45 -7.21
N LYS E 44 6.10 -6.97 -8.41
CA LYS E 44 6.31 -8.40 -8.59
C LYS E 44 7.66 -8.72 -7.92
N ILE E 45 8.73 -8.50 -8.66
CA ILE E 45 10.09 -8.77 -8.17
C ILE E 45 10.39 -10.25 -8.11
N SER E 46 10.98 -10.76 -9.18
CA SER E 46 11.34 -12.15 -9.28
C SER E 46 12.27 -12.57 -8.14
N PRO E 47 12.13 -13.82 -7.66
CA PRO E 47 13.00 -14.28 -6.58
C PRO E 47 14.43 -14.52 -7.08
N THR E 48 14.58 -14.68 -8.39
CA THR E 48 15.91 -14.88 -8.98
C THR E 48 16.10 -13.92 -10.14
N PHE E 49 17.36 -13.54 -10.38
CA PHE E 49 17.69 -12.62 -11.45
C PHE E 49 17.22 -13.12 -12.81
N ILE E 50 16.63 -12.23 -13.60
CA ILE E 50 16.17 -12.58 -14.93
C ILE E 50 16.38 -11.39 -15.87
N LEU E 51 16.47 -11.69 -17.17
CA LEU E 51 16.59 -10.67 -18.19
C LEU E 51 15.20 -10.70 -18.83
N GLY E 52 14.87 -9.72 -19.64
CA GLY E 52 13.55 -9.72 -20.24
C GLY E 52 12.54 -9.19 -19.23
N ALA E 53 11.28 -9.63 -19.33
CA ALA E 53 10.24 -9.17 -18.42
C ALA E 53 10.61 -9.34 -16.96
N GLY E 54 10.45 -8.27 -16.18
CA GLY E 54 10.78 -8.33 -14.76
C GLY E 54 12.21 -7.91 -14.45
N HIS E 55 13.03 -7.77 -15.49
CA HIS E 55 14.43 -7.40 -15.30
C HIS E 55 14.70 -6.12 -14.51
N VAL E 56 14.10 -5.00 -14.89
CA VAL E 56 14.34 -3.76 -14.17
C VAL E 56 13.70 -3.78 -12.79
N THR E 57 12.46 -4.24 -12.74
CA THR E 57 11.73 -4.32 -11.48
C THR E 57 12.51 -5.16 -10.46
N PHE E 58 13.24 -6.15 -10.94
CA PHE E 58 14.02 -7.03 -10.05
C PHE E 58 14.93 -6.26 -9.13
N PHE E 59 15.40 -5.09 -9.58
CA PHE E 59 16.30 -4.30 -8.77
C PHE E 59 15.62 -3.20 -7.97
N TYR E 60 14.31 -3.08 -8.10
CA TYR E 60 13.61 -2.04 -7.36
C TYR E 60 13.88 -2.12 -5.86
N ASP E 61 14.13 -3.32 -5.33
CA ASP E 61 14.43 -3.41 -3.90
C ASP E 61 15.92 -3.69 -3.66
N LYS E 62 16.75 -3.39 -4.65
CA LYS E 62 18.17 -3.63 -4.51
C LYS E 62 19.01 -2.39 -4.85
N LEU E 63 18.52 -1.21 -4.51
CA LEU E 63 19.24 0.04 -4.82
C LEU E 63 20.62 0.19 -4.19
N GLU E 64 20.84 -0.44 -3.04
CA GLU E 64 22.15 -0.36 -2.40
C GLU E 64 23.12 -1.15 -3.25
N PHE E 65 22.62 -2.19 -3.91
CA PHE E 65 23.47 -2.99 -4.79
C PHE E 65 23.83 -2.10 -5.97
N LEU E 66 22.84 -1.38 -6.49
CA LEU E 66 23.04 -0.51 -7.63
C LEU E 66 23.95 0.68 -7.30
N ARG E 67 23.76 1.28 -6.13
CA ARG E 67 24.59 2.42 -5.75
C ARG E 67 26.05 2.00 -5.77
N LYS E 68 26.33 0.83 -5.20
CA LYS E 68 27.70 0.36 -5.13
C LYS E 68 28.26 -0.03 -6.47
N ARG E 69 27.40 -0.47 -7.38
CA ARG E 69 27.88 -0.86 -8.70
C ARG E 69 28.17 0.39 -9.52
N GLN E 70 27.37 1.45 -9.34
CA GLN E 70 27.59 2.69 -10.08
C GLN E 70 28.92 3.35 -9.70
N ILE E 71 29.34 3.16 -8.45
CA ILE E 71 30.61 3.72 -8.00
C ILE E 71 31.73 3.06 -8.80
N GLU E 72 31.58 1.76 -9.02
CA GLU E 72 32.59 1.01 -9.78
C GLU E 72 32.53 1.37 -11.28
N LEU E 73 31.32 1.53 -11.81
CA LEU E 73 31.15 1.88 -13.21
C LEU E 73 31.81 3.24 -13.47
N ILE E 74 31.60 4.16 -12.55
CA ILE E 74 32.18 5.48 -12.66
C ILE E 74 33.71 5.41 -12.65
N ALA E 75 34.27 4.73 -11.66
CA ALA E 75 35.73 4.61 -11.57
C ALA E 75 36.30 3.97 -12.82
N GLU E 76 35.64 2.95 -13.33
CA GLU E 76 36.11 2.27 -14.55
C GLU E 76 36.07 3.25 -15.72
N CYS E 77 34.96 3.98 -15.88
CA CYS E 77 34.86 4.96 -16.96
C CYS E 77 36.02 5.94 -16.92
N LEU E 78 36.36 6.44 -15.74
CA LEU E 78 37.48 7.39 -15.63
C LEU E 78 38.81 6.70 -15.91
N LYS E 79 38.96 5.45 -15.48
CA LYS E 79 40.21 4.73 -15.71
C LYS E 79 40.51 4.60 -17.19
N ARG E 80 39.47 4.36 -17.99
CA ARG E 80 39.66 4.17 -19.42
C ARG E 80 39.72 5.49 -20.20
N GLY E 81 39.56 6.60 -19.49
CA GLY E 81 39.63 7.90 -20.15
C GLY E 81 38.33 8.47 -20.67
N PHE E 82 37.18 7.87 -20.32
CA PHE E 82 35.89 8.40 -20.76
C PHE E 82 35.73 9.78 -20.13
N ASN E 83 35.24 10.73 -20.92
N ASN E 83 35.26 10.75 -20.90
CA ASN E 83 35.01 12.10 -20.45
CA ASN E 83 35.07 12.09 -20.36
C ASN E 83 33.61 12.26 -19.87
C ASN E 83 33.66 12.29 -19.83
N ILE E 84 33.27 11.43 -18.89
CA ILE E 84 31.95 11.49 -18.27
C ILE E 84 31.78 12.71 -17.36
N LYS E 85 30.55 13.22 -17.27
CA LYS E 85 30.27 14.40 -16.46
C LYS E 85 29.87 14.10 -15.03
N ASP E 86 28.99 13.13 -14.85
CA ASP E 86 28.55 12.75 -13.51
C ASP E 86 29.52 11.71 -12.94
N THR E 87 30.42 12.16 -12.08
CA THR E 87 31.39 11.26 -11.47
C THR E 87 31.01 10.80 -10.06
N THR E 88 29.79 11.08 -9.64
CA THR E 88 29.30 10.63 -8.33
C THR E 88 27.92 10.02 -8.48
N VAL E 89 27.55 9.11 -7.58
CA VAL E 89 26.23 8.49 -7.63
C VAL E 89 25.32 9.45 -6.89
N GLN E 90 24.08 9.57 -7.32
CA GLN E 90 23.16 10.46 -6.62
C GLN E 90 22.95 9.90 -5.22
N ASP E 91 22.60 10.79 -4.29
CA ASP E 91 22.33 10.37 -2.92
C ASP E 91 20.97 9.67 -2.97
N ILE E 92 20.87 8.53 -2.31
CA ILE E 92 19.61 7.79 -2.30
C ILE E 92 19.08 7.61 -0.89
N SER E 93 19.70 8.29 0.07
CA SER E 93 19.28 8.18 1.47
C SER E 93 17.89 8.76 1.72
N ASP E 94 17.29 9.37 0.71
CA ASP E 94 15.95 9.94 0.85
C ASP E 94 14.90 8.87 0.55
N ILE E 95 15.34 7.78 -0.08
CA ILE E 95 14.46 6.67 -0.44
C ILE E 95 14.32 5.70 0.73
N PRO E 96 13.10 5.20 0.98
CA PRO E 96 12.81 4.25 2.08
C PRO E 96 13.79 3.08 2.13
N GLN E 97 14.28 2.77 3.32
CA GLN E 97 15.24 1.69 3.51
C GLN E 97 14.84 0.38 2.85
N GLU E 98 13.54 0.12 2.74
CA GLU E 98 13.08 -1.14 2.17
C GLU E 98 13.49 -1.35 0.71
N PHE E 99 13.64 -0.27 -0.05
CA PHE E 99 14.04 -0.38 -1.45
C PHE E 99 15.56 -0.48 -1.57
N ARG E 100 16.26 -0.15 -0.48
CA ARG E 100 17.71 -0.14 -0.52
C ARG E 100 18.44 -1.34 0.04
N GLY E 101 18.13 -2.52 -0.50
CA GLY E 101 18.80 -3.71 -0.02
C GLY E 101 20.02 -4.03 -0.87
N ASP E 102 20.96 -4.79 -0.33
CA ASP E 102 22.14 -5.17 -1.08
C ASP E 102 21.74 -6.43 -1.84
N TYR E 103 22.69 -7.06 -2.53
CA TYR E 103 22.35 -8.24 -3.29
C TYR E 103 23.61 -8.99 -3.66
N ILE E 104 23.57 -10.31 -3.52
CA ILE E 104 24.71 -11.16 -3.82
C ILE E 104 24.24 -12.26 -4.77
N PRO E 105 24.47 -12.07 -6.09
CA PRO E 105 24.07 -13.04 -7.10
C PRO E 105 24.79 -14.37 -6.96
N HIS E 106 24.13 -15.44 -7.40
CA HIS E 106 24.74 -16.77 -7.38
C HIS E 106 25.45 -16.88 -8.73
N GLU E 107 26.40 -17.81 -8.83
CA GLU E 107 27.17 -18.00 -10.05
C GLU E 107 26.31 -18.16 -11.30
N ALA E 108 25.15 -18.79 -11.16
CA ALA E 108 24.27 -18.97 -12.31
C ALA E 108 23.75 -17.63 -12.82
N SER E 109 23.36 -16.75 -11.90
CA SER E 109 22.86 -15.43 -12.26
C SER E 109 23.96 -14.65 -12.96
N ILE E 110 25.15 -14.66 -12.38
CA ILE E 110 26.28 -13.95 -12.97
C ILE E 110 26.56 -14.51 -14.37
N ALA E 111 26.38 -15.82 -14.55
CA ALA E 111 26.63 -16.47 -15.83
C ALA E 111 25.56 -16.14 -16.85
N ILE E 112 24.33 -15.98 -16.39
CA ILE E 112 23.24 -15.63 -17.29
C ILE E 112 23.49 -14.22 -17.83
N SER E 113 23.99 -13.34 -16.96
CA SER E 113 24.28 -11.96 -17.31
C SER E 113 25.44 -11.92 -18.30
N GLN E 114 26.45 -12.74 -18.05
CA GLN E 114 27.62 -12.80 -18.92
C GLN E 114 27.24 -13.31 -20.31
N ALA E 115 26.35 -14.30 -20.34
CA ALA E 115 25.94 -14.87 -21.62
C ALA E 115 25.28 -13.83 -22.51
N ARG E 116 24.52 -12.92 -21.91
CA ARG E 116 23.86 -11.87 -22.68
C ARG E 116 24.93 -10.94 -23.28
N LEU E 117 25.87 -10.53 -22.44
CA LEU E 117 26.95 -9.67 -22.89
C LEU E 117 27.66 -10.37 -24.05
N ASP E 118 28.02 -11.64 -23.86
CA ASP E 118 28.73 -12.39 -24.89
C ASP E 118 27.94 -12.52 -26.19
N GLU E 119 26.63 -12.66 -26.07
CA GLU E 119 25.76 -12.78 -27.23
C GLU E 119 25.75 -11.49 -28.05
N LYS E 120 25.82 -10.35 -27.35
CA LYS E 120 25.83 -9.05 -28.02
C LYS E 120 27.16 -8.84 -28.74
N ILE E 121 28.24 -9.26 -28.10
CA ILE E 121 29.57 -9.11 -28.68
C ILE E 121 29.71 -9.98 -29.93
N ALA E 122 29.15 -11.19 -29.88
CA ALA E 122 29.23 -12.11 -31.01
C ALA E 122 28.52 -11.56 -32.24
N GLN E 123 27.69 -10.55 -32.07
CA GLN E 123 26.96 -9.93 -33.18
C GLN E 123 27.83 -8.90 -33.90
N ARG E 124 28.81 -8.34 -33.20
CA ARG E 124 29.70 -7.34 -33.80
C ARG E 124 31.09 -7.48 -33.17
N PRO E 125 31.69 -8.67 -33.26
CA PRO E 125 33.01 -8.97 -32.70
C PRO E 125 34.21 -8.11 -33.11
N THR E 126 34.15 -7.50 -34.29
CA THR E 126 35.28 -6.67 -34.70
C THR E 126 35.07 -5.22 -34.28
N TRP E 127 33.86 -4.93 -33.84
CA TRP E 127 33.48 -3.58 -33.44
C TRP E 127 33.60 -3.23 -31.95
N TYR E 128 33.22 -4.14 -31.06
CA TYR E 128 33.33 -3.82 -29.64
C TYR E 128 34.79 -3.54 -29.29
N LYS E 129 35.02 -2.71 -28.29
CA LYS E 129 36.38 -2.38 -27.93
C LYS E 129 36.59 -2.46 -26.43
N TYR E 130 37.86 -2.59 -26.03
CA TYR E 130 38.23 -2.64 -24.62
C TYR E 130 39.41 -1.67 -24.53
N TYR E 131 39.26 -0.60 -23.76
CA TYR E 131 40.31 0.39 -23.68
C TYR E 131 40.67 0.84 -25.09
N GLY E 132 39.66 0.96 -25.94
CA GLY E 132 39.87 1.41 -27.30
C GLY E 132 40.39 0.40 -28.32
N LYS E 133 40.64 -0.83 -27.88
CA LYS E 133 41.18 -1.86 -28.78
C LYS E 133 40.14 -2.91 -29.19
N ALA E 134 40.24 -3.40 -30.42
CA ALA E 134 39.31 -4.42 -30.94
C ALA E 134 39.83 -5.78 -30.53
N ILE E 135 39.76 -6.09 -29.24
CA ILE E 135 40.25 -7.35 -28.70
C ILE E 135 39.33 -8.54 -28.89
N TYR E 136 38.12 -8.31 -29.36
CA TYR E 136 37.18 -9.42 -29.55
C TYR E 136 37.20 -9.98 -30.97
N ALA E 137 37.83 -9.23 -31.88
CA ALA E 137 37.94 -9.60 -33.29
C ALA E 137 38.40 -11.03 -33.51
N THR F 1 -15.29 2.14 17.94
CA THR F 1 -16.24 2.77 16.94
C THR F 1 -16.67 1.71 15.94
N ARG F 2 -17.81 1.10 16.18
CA ARG F 2 -18.29 0.03 15.31
C ARG F 2 -19.75 0.19 14.95
N ILE F 3 -20.04 0.00 13.68
CA ILE F 3 -21.40 0.07 13.14
C ILE F 3 -21.83 -1.37 12.97
N ASN F 4 -22.97 -1.72 13.56
CA ASN F 4 -23.48 -3.09 13.47
C ASN F 4 -24.55 -3.15 12.40
N LEU F 5 -24.73 -4.31 11.78
CA LEU F 5 -25.73 -4.45 10.75
C LEU F 5 -26.89 -5.27 11.25
N THR F 6 -26.75 -5.81 12.44
CA THR F 6 -27.78 -6.65 13.03
C THR F 6 -28.97 -5.89 13.60
N LEU F 7 -30.01 -6.63 13.95
CA LEU F 7 -31.23 -6.07 14.51
C LEU F 7 -30.95 -5.33 15.82
N VAL F 8 -31.22 -4.02 15.83
CA VAL F 8 -31.03 -3.20 17.01
C VAL F 8 -31.75 -3.75 18.25
N SER F 9 -32.95 -4.30 18.08
CA SER F 9 -33.70 -4.82 19.22
C SER F 9 -33.06 -6.03 19.88
N GLU F 10 -32.09 -6.65 19.22
CA GLU F 10 -31.46 -7.82 19.78
C GLU F 10 -30.05 -7.56 20.29
N LEU F 11 -29.61 -6.31 20.24
CA LEU F 11 -28.29 -5.97 20.72
C LEU F 11 -28.28 -6.08 22.24
N ALA F 12 -27.14 -6.49 22.79
CA ALA F 12 -26.99 -6.60 24.22
C ALA F 12 -26.96 -5.15 24.73
N ASP F 13 -27.40 -4.94 25.97
CA ASP F 13 -27.39 -3.60 26.54
C ASP F 13 -26.12 -2.80 26.25
N GLN F 14 -24.96 -3.38 26.52
CA GLN F 14 -23.71 -2.65 26.30
C GLN F 14 -23.32 -2.46 24.84
N HIS F 15 -23.75 -3.35 23.97
CA HIS F 15 -23.44 -3.20 22.55
C HIS F 15 -24.37 -2.12 21.99
N LEU F 16 -25.53 -1.98 22.61
CA LEU F 16 -26.51 -0.99 22.19
C LEU F 16 -26.01 0.41 22.54
N MET F 17 -25.67 0.59 23.80
CA MET F 17 -25.17 1.89 24.27
C MET F 17 -23.96 2.32 23.44
N ALA F 18 -23.05 1.37 23.18
CA ALA F 18 -21.84 1.68 22.42
C ALA F 18 -22.12 2.18 21.00
N GLU F 19 -22.98 1.48 20.26
CA GLU F 19 -23.27 1.90 18.90
C GLU F 19 -24.00 3.24 18.92
N TYR F 20 -24.82 3.45 19.93
CA TYR F 20 -25.56 4.70 20.06
C TYR F 20 -24.65 5.91 20.17
N ARG F 21 -23.55 5.78 20.90
CA ARG F 21 -22.65 6.92 21.06
C ARG F 21 -21.55 6.97 20.01
N GLU F 22 -21.31 5.84 19.37
CA GLU F 22 -20.25 5.77 18.36
C GLU F 22 -20.70 6.08 16.94
N LEU F 23 -21.89 5.63 16.57
CA LEU F 23 -22.40 5.87 15.22
C LEU F 23 -22.30 7.34 14.83
N PRO F 24 -22.76 8.26 15.70
CA PRO F 24 -22.68 9.68 15.35
C PRO F 24 -21.26 10.17 15.03
N ARG F 25 -20.24 9.47 15.50
CA ARG F 25 -18.87 9.89 15.24
C ARG F 25 -18.58 9.93 13.73
N VAL F 26 -19.31 9.13 12.95
CA VAL F 26 -19.07 9.09 11.52
C VAL F 26 -19.57 10.36 10.84
N PHE F 27 -20.69 10.90 11.33
CA PHE F 27 -21.22 12.12 10.74
C PHE F 27 -20.22 13.24 10.97
N GLY F 28 -19.81 13.38 12.22
CA GLY F 28 -18.86 14.41 12.60
C GLY F 28 -17.57 14.33 11.79
N ALA F 29 -17.19 13.12 11.40
CA ALA F 29 -15.97 12.92 10.62
C ALA F 29 -16.14 13.50 9.22
N VAL F 30 -17.12 13.00 8.49
CA VAL F 30 -17.39 13.48 7.13
C VAL F 30 -17.61 14.98 7.10
N ARG F 31 -18.37 15.48 8.07
CA ARG F 31 -18.66 16.90 8.16
C ARG F 31 -17.38 17.69 8.45
N LYS F 32 -16.35 16.98 8.88
CA LYS F 32 -15.06 17.58 9.20
C LYS F 32 -14.22 17.65 7.93
N HIS F 33 -14.33 16.61 7.10
CA HIS F 33 -13.58 16.54 5.86
C HIS F 33 -14.11 17.51 4.80
N VAL F 34 -15.44 17.58 4.66
CA VAL F 34 -16.04 18.49 3.68
C VAL F 34 -15.69 19.92 4.06
N ALA F 35 -15.42 20.14 5.33
CA ALA F 35 -15.04 21.48 5.82
C ALA F 35 -13.56 21.66 5.52
N ASN F 36 -13.06 20.86 4.58
CA ASN F 36 -11.67 20.90 4.18
C ASN F 36 -11.61 20.42 2.73
N GLY F 37 -12.76 20.49 2.06
CA GLY F 37 -12.85 20.08 0.66
C GLY F 37 -12.48 18.64 0.40
N LYS F 38 -13.48 17.77 0.42
CA LYS F 38 -13.26 16.34 0.17
C LYS F 38 -14.43 15.73 -0.60
N ARG F 39 -14.13 14.75 -1.45
CA ARG F 39 -15.15 14.08 -2.26
C ARG F 39 -15.36 12.65 -1.79
N VAL F 40 -16.45 12.04 -2.22
CA VAL F 40 -16.73 10.65 -1.86
C VAL F 40 -15.64 9.80 -2.49
N ARG F 41 -15.08 10.30 -3.59
CA ARG F 41 -14.03 9.57 -4.29
C ARG F 41 -12.67 9.87 -3.67
N ASP F 42 -12.62 10.90 -2.83
CA ASP F 42 -11.39 11.28 -2.15
C ASP F 42 -11.06 10.30 -1.03
N PHE F 43 -11.92 9.29 -0.88
CA PHE F 43 -11.75 8.29 0.17
C PHE F 43 -11.64 6.88 -0.39
N LYS F 44 -10.87 6.05 0.32
CA LYS F 44 -10.65 4.66 -0.04
C LYS F 44 -11.83 3.85 0.50
N ILE F 45 -13.02 4.19 0.05
CA ILE F 45 -14.24 3.50 0.48
C ILE F 45 -14.33 2.08 -0.08
N SER F 46 -14.09 1.09 0.78
CA SER F 46 -14.15 -0.30 0.37
C SER F 46 -15.45 -0.61 -0.36
N PRO F 47 -15.39 -1.47 -1.39
CA PRO F 47 -16.59 -1.84 -2.16
C PRO F 47 -17.48 -2.82 -1.41
N THR F 48 -16.97 -3.38 -0.32
CA THR F 48 -17.71 -4.35 0.48
C THR F 48 -17.54 -4.11 1.99
N PHE F 49 -18.56 -4.48 2.75
CA PHE F 49 -18.53 -4.32 4.21
C PHE F 49 -17.38 -5.10 4.84
N ILE F 50 -16.61 -4.41 5.67
CA ILE F 50 -15.48 -5.04 6.34
C ILE F 50 -15.26 -4.47 7.73
N LEU F 51 -14.64 -5.27 8.60
CA LEU F 51 -14.33 -4.83 9.95
C LEU F 51 -12.84 -4.47 10.00
N GLY F 52 -12.43 -3.79 11.06
CA GLY F 52 -11.03 -3.40 11.18
C GLY F 52 -10.69 -2.21 10.32
N ALA F 53 -9.57 -2.31 9.58
CA ALA F 53 -9.11 -1.22 8.73
C ALA F 53 -10.12 -0.81 7.66
N GLY F 54 -10.50 0.47 7.68
CA GLY F 54 -11.46 1.00 6.72
C GLY F 54 -12.93 0.88 7.10
N HIS F 55 -13.23 0.18 8.19
CA HIS F 55 -14.62 -0.03 8.64
C HIS F 55 -15.42 1.26 8.75
N VAL F 56 -14.87 2.26 9.43
CA VAL F 56 -15.59 3.52 9.59
C VAL F 56 -15.73 4.22 8.25
N THR F 57 -14.62 4.31 7.51
CA THR F 57 -14.61 4.95 6.20
C THR F 57 -15.70 4.37 5.31
N PHE F 58 -15.87 3.05 5.37
CA PHE F 58 -16.86 2.34 4.57
C PHE F 58 -18.28 2.93 4.65
N PHE F 59 -18.57 3.68 5.72
CA PHE F 59 -19.90 4.25 5.86
C PHE F 59 -19.97 5.73 5.52
N TYR F 60 -18.88 6.27 4.98
CA TYR F 60 -18.85 7.67 4.62
C TYR F 60 -19.87 8.06 3.54
N ASP F 61 -20.16 7.14 2.63
CA ASP F 61 -21.13 7.41 1.56
C ASP F 61 -22.46 6.74 1.85
N LYS F 62 -22.69 6.38 3.11
CA LYS F 62 -23.93 5.72 3.49
C LYS F 62 -24.54 6.34 4.74
N LEU F 63 -24.34 7.65 4.90
CA LEU F 63 -24.85 8.36 6.07
C LEU F 63 -26.35 8.27 6.23
N GLU F 64 -27.07 7.98 5.15
CA GLU F 64 -28.52 7.85 5.25
C GLU F 64 -28.84 6.52 5.90
N PHE F 65 -27.95 5.54 5.72
CA PHE F 65 -28.16 4.23 6.32
C PHE F 65 -28.05 4.43 7.82
N LEU F 66 -27.03 5.19 8.21
CA LEU F 66 -26.76 5.48 9.61
C LEU F 66 -27.85 6.31 10.28
N ARG F 67 -28.27 7.40 9.62
CA ARG F 67 -29.30 8.25 10.20
C ARG F 67 -30.50 7.40 10.58
N LYS F 68 -30.92 6.53 9.67
CA LYS F 68 -32.06 5.68 9.93
C LYS F 68 -31.76 4.68 11.04
N ARG F 69 -30.53 4.21 11.11
CA ARG F 69 -30.19 3.24 12.16
C ARG F 69 -30.16 3.97 13.51
N GLN F 70 -29.65 5.20 13.52
CA GLN F 70 -29.58 6.00 14.76
C GLN F 70 -30.98 6.22 15.32
N ILE F 71 -31.97 6.35 14.45
CA ILE F 71 -33.33 6.53 14.92
C ILE F 71 -33.79 5.29 15.69
N GLU F 72 -33.34 4.12 15.25
CA GLU F 72 -33.71 2.87 15.93
C GLU F 72 -32.95 2.76 17.25
N LEU F 73 -31.66 3.07 17.21
CA LEU F 73 -30.82 3.01 18.40
C LEU F 73 -31.38 3.89 19.53
N ILE F 74 -31.78 5.10 19.19
CA ILE F 74 -32.34 6.01 20.18
C ILE F 74 -33.59 5.39 20.80
N ALA F 75 -34.50 4.93 19.96
CA ALA F 75 -35.74 4.33 20.45
C ALA F 75 -35.50 3.12 21.36
N GLU F 76 -34.56 2.26 20.98
CA GLU F 76 -34.26 1.07 21.76
C GLU F 76 -33.68 1.45 23.11
N CYS F 77 -32.75 2.41 23.13
CA CYS F 77 -32.15 2.85 24.40
C CYS F 77 -33.26 3.30 25.33
N LEU F 78 -34.24 4.02 24.80
CA LEU F 78 -35.36 4.51 25.60
C LEU F 78 -36.27 3.39 26.06
N LYS F 79 -36.51 2.42 25.19
CA LYS F 79 -37.36 1.30 25.57
C LYS F 79 -36.74 0.59 26.79
N ARG F 80 -35.42 0.46 26.80
CA ARG F 80 -34.75 -0.23 27.88
C ARG F 80 -34.52 0.60 29.13
N GLY F 81 -34.96 1.85 29.09
CA GLY F 81 -34.81 2.72 30.24
C GLY F 81 -33.46 3.40 30.39
N PHE F 82 -32.67 3.52 29.32
CA PHE F 82 -31.39 4.20 29.46
C PHE F 82 -31.71 5.69 29.52
N ASN F 83 -30.99 6.42 30.36
N ASN F 83 -31.00 6.43 30.37
CA ASN F 83 -31.21 7.85 30.49
CA ASN F 83 -31.22 7.86 30.49
C ASN F 83 -30.25 8.62 29.57
C ASN F 83 -30.28 8.63 29.57
N ILE F 84 -30.45 8.46 28.26
CA ILE F 84 -29.62 9.12 27.27
C ILE F 84 -30.12 10.56 27.08
N LYS F 85 -29.20 11.48 26.83
CA LYS F 85 -29.57 12.89 26.64
C LYS F 85 -29.96 13.26 25.21
N ASP F 86 -29.23 12.75 24.22
CA ASP F 86 -29.55 13.05 22.83
C ASP F 86 -30.61 12.08 22.34
N THR F 87 -31.85 12.57 22.24
CA THR F 87 -32.96 11.73 21.80
C THR F 87 -33.53 12.03 20.41
N THR F 88 -32.74 12.70 19.57
CA THR F 88 -33.16 13.01 18.20
C THR F 88 -31.93 12.85 17.33
N VAL F 89 -32.08 12.23 16.16
CA VAL F 89 -30.90 12.06 15.30
C VAL F 89 -30.57 13.42 14.71
N GLN F 90 -29.29 13.79 14.78
CA GLN F 90 -28.87 15.09 14.28
C GLN F 90 -29.20 15.28 12.80
N ASP F 91 -29.29 16.54 12.39
CA ASP F 91 -29.57 16.89 11.01
C ASP F 91 -28.30 16.82 10.18
N ILE F 92 -28.34 16.09 9.08
CA ILE F 92 -27.17 15.95 8.22
C ILE F 92 -27.42 16.51 6.81
N SER F 93 -28.50 17.25 6.66
CA SER F 93 -28.84 17.83 5.36
C SER F 93 -27.78 18.83 4.91
N ASP F 94 -26.95 19.28 5.85
CA ASP F 94 -25.90 20.23 5.53
C ASP F 94 -24.67 19.53 4.95
N ILE F 95 -24.85 18.28 4.57
CA ILE F 95 -23.76 17.49 4.00
C ILE F 95 -24.08 17.08 2.57
N PRO F 96 -23.08 17.15 1.68
CA PRO F 96 -23.23 16.79 0.26
C PRO F 96 -24.03 15.51 0.01
N GLN F 97 -25.12 15.66 -0.72
CA GLN F 97 -26.02 14.56 -1.04
C GLN F 97 -25.31 13.26 -1.40
N GLU F 98 -24.12 13.35 -1.99
CA GLU F 98 -23.40 12.13 -2.37
C GLU F 98 -22.95 11.26 -1.19
N PHE F 99 -22.79 11.88 -0.02
CA PHE F 99 -22.38 11.13 1.16
C PHE F 99 -23.60 10.48 1.82
N ARG F 100 -24.76 11.12 1.65
CA ARG F 100 -26.00 10.64 2.26
C ARG F 100 -26.74 9.53 1.50
N GLY F 101 -26.04 8.45 1.18
CA GLY F 101 -26.69 7.35 0.48
C GLY F 101 -27.24 6.30 1.43
N ASP F 102 -28.19 5.48 0.98
CA ASP F 102 -28.74 4.45 1.83
C ASP F 102 -27.86 3.21 1.66
N TYR F 103 -28.30 2.06 2.15
CA TYR F 103 -27.49 0.86 2.04
C TYR F 103 -28.24 -0.38 2.50
N ILE F 104 -28.10 -1.45 1.74
CA ILE F 104 -28.74 -2.72 2.07
C ILE F 104 -27.65 -3.80 2.03
N PRO F 105 -27.32 -4.37 3.20
CA PRO F 105 -26.30 -5.42 3.30
C PRO F 105 -26.78 -6.79 2.87
N HIS F 106 -25.88 -7.60 2.32
CA HIS F 106 -26.20 -8.97 1.92
C HIS F 106 -26.22 -9.78 3.22
N GLU F 107 -26.89 -10.92 3.22
CA GLU F 107 -26.94 -11.74 4.43
C GLU F 107 -25.53 -12.01 4.97
N ALA F 108 -24.60 -12.30 4.07
CA ALA F 108 -23.21 -12.59 4.46
C ALA F 108 -22.59 -11.47 5.29
N SER F 109 -22.87 -10.22 4.92
CA SER F 109 -22.32 -9.09 5.66
C SER F 109 -22.95 -8.99 7.04
N ILE F 110 -24.24 -9.32 7.12
CA ILE F 110 -24.94 -9.27 8.40
C ILE F 110 -24.44 -10.38 9.31
N ALA F 111 -23.81 -11.40 8.72
CA ALA F 111 -23.27 -12.52 9.49
C ALA F 111 -21.89 -12.15 10.00
N ILE F 112 -21.13 -11.44 9.17
CA ILE F 112 -19.81 -11.00 9.57
C ILE F 112 -19.94 -10.08 10.77
N SER F 113 -21.01 -9.28 10.79
CA SER F 113 -21.28 -8.35 11.86
C SER F 113 -21.73 -9.09 13.12
N GLN F 114 -22.69 -10.00 12.95
CA GLN F 114 -23.24 -10.79 14.04
C GLN F 114 -22.19 -11.65 14.73
N ALA F 115 -21.20 -12.11 13.97
CA ALA F 115 -20.15 -12.96 14.50
C ALA F 115 -19.22 -12.13 15.37
N ARG F 116 -19.02 -10.87 14.99
CA ARG F 116 -18.16 -10.01 15.78
C ARG F 116 -18.82 -9.80 17.13
N LEU F 117 -20.14 -9.56 17.11
CA LEU F 117 -20.90 -9.37 18.33
C LEU F 117 -20.82 -10.61 19.23
N ASP F 118 -21.06 -11.78 18.64
CA ASP F 118 -21.03 -13.04 19.36
C ASP F 118 -19.65 -13.31 19.95
N GLU F 119 -18.62 -12.96 19.20
CA GLU F 119 -17.24 -13.14 19.65
C GLU F 119 -16.97 -12.29 20.88
N LYS F 120 -17.50 -11.07 20.86
CA LYS F 120 -17.32 -10.13 21.97
C LYS F 120 -18.03 -10.61 23.23
N ILE F 121 -19.23 -11.17 23.07
CA ILE F 121 -19.97 -11.65 24.22
C ILE F 121 -19.27 -12.83 24.89
N ALA F 122 -18.72 -13.74 24.09
CA ALA F 122 -18.04 -14.91 24.63
C ALA F 122 -16.81 -14.57 25.46
N GLN F 123 -16.38 -13.32 25.39
CA GLN F 123 -15.22 -12.85 26.16
C GLN F 123 -15.60 -12.51 27.61
N ARG F 124 -16.88 -12.25 27.83
CA ARG F 124 -17.41 -11.88 29.15
C ARG F 124 -18.90 -12.23 29.19
N PRO F 125 -19.25 -13.49 28.91
CA PRO F 125 -20.65 -13.91 28.91
C PRO F 125 -21.50 -13.60 30.14
N THR F 126 -20.91 -13.64 31.33
CA THR F 126 -21.72 -13.38 32.53
C THR F 126 -21.92 -11.89 32.76
N TRP F 127 -21.11 -11.08 32.10
CA TRP F 127 -21.17 -9.64 32.27
C TRP F 127 -22.15 -8.91 31.34
N TYR F 128 -22.29 -9.35 30.11
CA TYR F 128 -23.20 -8.69 29.18
C TYR F 128 -24.63 -8.86 29.67
N LYS F 129 -25.47 -7.87 29.39
CA LYS F 129 -26.85 -7.93 29.82
C LYS F 129 -27.81 -7.55 28.71
N TYR F 130 -29.07 -7.97 28.85
CA TYR F 130 -30.14 -7.66 27.90
C TYR F 130 -31.28 -7.17 28.79
N TYR F 131 -31.60 -5.89 28.72
CA TYR F 131 -32.65 -5.32 29.58
C TYR F 131 -32.27 -5.58 31.04
N GLY F 132 -30.99 -5.45 31.36
CA GLY F 132 -30.54 -5.66 32.72
C GLY F 132 -30.39 -7.10 33.19
N LYS F 133 -30.67 -8.07 32.34
CA LYS F 133 -30.56 -9.48 32.71
C LYS F 133 -29.36 -10.18 32.07
N ALA F 134 -28.69 -11.02 32.84
CA ALA F 134 -27.51 -11.75 32.34
C ALA F 134 -27.97 -12.99 31.58
N ILE F 135 -28.57 -12.81 30.41
CA ILE F 135 -29.07 -13.92 29.60
C ILE F 135 -28.04 -14.68 28.79
N TYR F 136 -26.78 -14.24 28.82
CA TYR F 136 -25.75 -14.93 28.04
C TYR F 136 -24.97 -15.98 28.86
N ALA F 137 -25.30 -16.08 30.15
CA ALA F 137 -24.70 -17.02 31.09
C ALA F 137 -24.53 -18.44 30.54
#